data_5OY3
#
_entry.id   5OY3
#
_cell.length_a   68.908
_cell.length_b   68.908
_cell.length_c   228.476
_cell.angle_alpha   90.00
_cell.angle_beta   90.00
_cell.angle_gamma   90.00
#
_symmetry.space_group_name_H-M   'P 41 21 2'
#
loop_
_entity.id
_entity.type
_entity.pdbx_description
1 polymer 'Lysine-specific demethylase 6B'
2 polymer 'Histone 3 peptide H3(17-33)A21M'
3 non-polymer 'FE (III) ION'
4 non-polymer 'ZINC ION'
5 non-polymer '2-OXOGLUTARIC ACID'
6 non-polymer 1,2-ETHANEDIOL
7 non-polymer 'TERTIARY-BUTYL ALCOHOL'
8 water water
#
loop_
_entity_poly.entity_id
_entity_poly.type
_entity_poly.pdbx_seq_one_letter_code
_entity_poly.pdbx_strand_id
1 'polypeptide(L)'
;DVVRASRNAKVKGKFRESYLSPAQSVKPKINTEEKLPREKLNPPTPSIYLESKRDAFSPVLLQFCTDPRNPITVIRGLAG
SLRLNLGLFSTKTLVEASGEHTVEVRTQVQQPSDENWDLTGTRQIWPCESSRSHTTIAKYAQYQASSFQESLQEEKESED
EESEEPDSTTGTPPSSAPDPKNHHIIKFGTNIDLSDAKRWKPQLQELLKLPAFMRVTSTGNMLSHVGHTILGMNTVQLYM
KVPGSRTPGHQENNNFCSVNINIGPGDCEWFAVHEHYWETISAFCDRHGVDYLTGSWWPILDDLYASNIPVYRFVQRPGD
LVWINAGTVHWVQATGWCNNIAWNVGPLTAYQYQLALERYEWNEVKNVKSIVPMIHVSWNVARTVKISDPDLFKMIKFCL
LQSMKHCQVQRESLVRAGKKIAYQGRVKDEPAYYCNECDVEVFNILFVTSENGSRNTYLVHCEGCARRRSAGLQGVVVLE
QYRTEELAQAYDAFTLAPASTSRHHHHHH
;
A
2 'polypeptide(L)' RKQLMTKAARKSAPATG B
#
# COMPACT_ATOMS: atom_id res chain seq x y z
N GLU A 17 18.06 -17.30 6.15
CA GLU A 17 16.62 -17.26 6.43
C GLU A 17 15.92 -16.02 5.83
N SER A 18 16.67 -14.96 5.48
CA SER A 18 16.09 -13.81 4.76
C SER A 18 15.67 -14.18 3.33
N TYR A 19 14.56 -13.59 2.86
CA TYR A 19 14.12 -13.80 1.49
C TYR A 19 14.83 -12.89 0.49
N LEU A 20 15.78 -12.08 0.96
CA LEU A 20 16.49 -11.13 0.12
C LEU A 20 17.98 -11.44 0.12
N SER A 21 18.63 -11.15 -1.01
CA SER A 21 20.10 -11.20 -1.07
C SER A 21 20.66 -9.78 -1.20
N PRO A 22 21.39 -9.28 -0.19
CA PRO A 22 21.93 -7.91 -0.28
C PRO A 22 22.78 -7.66 -1.51
N ALA A 23 23.53 -8.65 -1.98
CA ALA A 23 24.27 -8.50 -3.23
C ALA A 23 23.40 -8.06 -4.38
N GLN A 24 22.08 -8.31 -4.33
CA GLN A 24 21.22 -8.02 -5.47
C GLN A 24 20.60 -6.64 -5.43
N SER A 25 20.93 -5.79 -4.45
CA SER A 25 20.23 -4.52 -4.30
C SER A 25 20.38 -3.66 -5.54
N VAL A 26 19.31 -2.95 -5.90
CA VAL A 26 19.32 -1.99 -6.98
C VAL A 26 19.02 -0.58 -6.49
N LYS A 27 19.07 -0.35 -5.17
CA LYS A 27 18.81 0.98 -4.65
C LYS A 27 19.85 1.95 -5.21
N PRO A 28 19.45 3.16 -5.58
CA PRO A 28 20.43 4.15 -6.04
C PRO A 28 21.35 4.58 -4.91
N LYS A 29 22.64 4.77 -5.23
CA LYS A 29 23.60 5.23 -4.23
C LYS A 29 23.48 6.75 -4.07
N ILE A 30 23.26 7.19 -2.83
CA ILE A 30 23.07 8.59 -2.48
C ILE A 30 23.96 8.86 -1.28
N ASN A 31 24.61 10.03 -1.26
CA ASN A 31 25.65 10.32 -0.27
C ASN A 31 25.06 10.64 1.11
N THR A 32 24.26 11.69 1.20
CA THR A 32 23.76 12.28 2.46
C THR A 32 24.89 12.93 3.25
N GLU A 33 26.12 12.41 3.15
CA GLU A 33 27.27 13.09 3.74
C GLU A 33 27.57 14.38 2.98
N GLU A 34 27.47 14.36 1.66
CA GLU A 34 27.58 15.59 0.90
C GLU A 34 26.51 16.59 1.35
N LYS A 35 26.94 17.72 1.91
CA LYS A 35 26.02 18.80 2.23
C LYS A 35 25.40 19.36 0.95
N LEU A 36 24.08 19.56 0.99
CA LEU A 36 23.34 20.04 -0.17
C LEU A 36 23.07 21.53 -0.04
N PRO A 37 23.28 22.33 -1.09
CA PRO A 37 22.81 23.72 -1.05
C PRO A 37 21.30 23.79 -0.99
N ARG A 38 20.82 25.02 -0.76
CA ARG A 38 19.41 25.24 -0.52
C ARG A 38 18.54 24.71 -1.65
N GLU A 39 18.93 24.97 -2.91
CA GLU A 39 18.07 24.64 -4.05
C GLU A 39 17.92 23.14 -4.23
N LYS A 40 18.92 22.36 -3.78
CA LYS A 40 18.80 20.92 -3.84
C LYS A 40 17.94 20.36 -2.72
N LEU A 41 17.70 21.14 -1.67
CA LEU A 41 16.78 20.74 -0.62
C LEU A 41 15.33 21.04 -0.96
N ASN A 42 15.09 21.80 -2.02
CA ASN A 42 13.74 22.11 -2.50
C ASN A 42 13.70 21.75 -3.98
N PRO A 43 13.89 20.48 -4.32
CA PRO A 43 13.93 20.09 -5.73
C PRO A 43 12.59 20.28 -6.38
N PRO A 44 12.55 20.42 -7.69
CA PRO A 44 11.27 20.55 -8.38
C PRO A 44 10.66 19.19 -8.63
N THR A 45 9.34 19.17 -8.74
CA THR A 45 8.67 17.88 -8.95
C THR A 45 8.50 17.63 -10.44
N PRO A 46 8.89 16.47 -10.96
CA PRO A 46 8.63 16.20 -12.37
C PRO A 46 7.17 16.34 -12.67
N SER A 47 6.88 17.17 -13.66
N SER A 47 6.87 17.25 -13.58
CA SER A 47 5.55 17.63 -13.99
CA SER A 47 5.51 17.59 -13.98
C SER A 47 5.34 17.43 -15.49
C SER A 47 5.37 17.39 -15.49
N ILE A 48 4.56 16.40 -15.85
CA ILE A 48 4.42 15.91 -17.22
C ILE A 48 3.07 16.28 -17.77
N TYR A 49 3.02 16.53 -19.07
CA TYR A 49 1.79 16.82 -19.80
C TYR A 49 1.67 15.80 -20.92
N LEU A 50 0.49 15.20 -21.06
CA LEU A 50 0.24 14.16 -22.06
C LEU A 50 -0.60 14.72 -23.19
N GLU A 51 -0.06 14.68 -24.40
CA GLU A 51 -0.75 15.26 -25.55
C GLU A 51 -1.73 14.30 -26.21
N SER A 52 -1.62 13.00 -25.96
CA SER A 52 -2.37 12.01 -26.71
C SER A 52 -2.52 10.76 -25.86
N LYS A 53 -3.55 9.97 -26.15
CA LYS A 53 -3.61 8.63 -25.60
C LYS A 53 -2.32 7.87 -25.91
N ARG A 54 -1.82 7.98 -27.14
CA ARG A 54 -0.59 7.29 -27.54
C ARG A 54 0.53 7.55 -26.53
N ASP A 55 0.74 8.82 -26.17
CA ASP A 55 1.77 9.15 -25.19
C ASP A 55 1.45 8.56 -23.82
N ALA A 56 0.17 8.52 -23.44
CA ALA A 56 -0.19 7.98 -22.14
C ALA A 56 0.12 6.49 -22.03
N PHE A 57 0.04 5.74 -23.13
CA PHE A 57 0.13 4.28 -23.10
C PHE A 57 1.52 3.78 -23.48
N SER A 58 2.46 4.68 -23.70
CA SER A 58 3.82 4.32 -24.05
C SER A 58 4.55 3.66 -22.88
N PRO A 59 5.35 2.61 -23.13
CA PRO A 59 6.25 2.09 -22.07
C PRO A 59 7.24 3.12 -21.54
N VAL A 60 7.46 4.21 -22.26
CA VAL A 60 8.40 5.23 -21.81
C VAL A 60 7.87 5.95 -20.57
N LEU A 61 6.55 6.12 -20.48
CA LEU A 61 5.98 6.76 -19.30
C LEU A 61 6.12 5.85 -18.09
N LEU A 62 5.91 4.55 -18.30
CA LEU A 62 6.12 3.59 -17.24
C LEU A 62 7.56 3.65 -16.71
N GLN A 63 8.55 3.65 -17.63
CA GLN A 63 9.96 3.73 -17.23
C GLN A 63 10.25 5.00 -16.45
N PHE A 64 9.72 6.14 -16.92
CA PHE A 64 9.94 7.41 -16.24
C PHE A 64 9.38 7.39 -14.82
N CYS A 65 8.13 6.94 -14.65
CA CYS A 65 7.46 7.02 -13.34
C CYS A 65 8.09 6.07 -12.31
N THR A 66 8.56 4.89 -12.74
CA THR A 66 9.13 3.93 -11.79
C THR A 66 10.66 4.03 -11.65
N ASP A 67 11.30 4.96 -12.33
CA ASP A 67 12.75 5.13 -12.19
C ASP A 67 13.09 5.35 -10.72
N PRO A 68 14.03 4.59 -10.15
CA PRO A 68 14.30 4.71 -8.70
C PRO A 68 14.81 6.07 -8.27
N ARG A 69 15.25 6.90 -9.19
CA ARG A 69 15.69 8.26 -8.89
C ARG A 69 14.55 9.26 -8.94
N ASN A 70 13.34 8.78 -9.21
CA ASN A 70 12.15 9.61 -9.38
C ASN A 70 11.09 9.24 -8.34
N PRO A 71 11.11 9.89 -7.16
CA PRO A 71 10.20 9.43 -6.07
C PRO A 71 8.73 9.75 -6.32
N ILE A 72 8.42 10.82 -7.05
CA ILE A 72 7.05 11.25 -7.19
C ILE A 72 6.93 12.02 -8.51
N THR A 73 5.80 11.84 -9.20
CA THR A 73 5.58 12.46 -10.50
C THR A 73 4.15 12.94 -10.59
N VAL A 74 3.94 14.15 -11.12
CA VAL A 74 2.59 14.67 -11.35
C VAL A 74 2.34 14.78 -12.84
N ILE A 75 1.22 14.20 -13.28
CA ILE A 75 0.83 14.15 -14.68
C ILE A 75 -0.36 15.09 -14.84
N ARG A 76 -0.08 16.27 -15.42
CA ARG A 76 -0.99 17.42 -15.42
C ARG A 76 -2.09 17.21 -16.45
N GLY A 77 -3.29 17.68 -16.13
CA GLY A 77 -4.49 17.41 -16.91
C GLY A 77 -4.64 16.01 -17.52
N LEU A 78 -4.20 14.96 -16.82
CA LEU A 78 -4.40 13.60 -17.36
C LEU A 78 -5.89 13.31 -17.58
N ALA A 79 -6.76 13.80 -16.71
CA ALA A 79 -8.19 13.50 -16.83
C ALA A 79 -8.71 13.91 -18.21
N GLY A 80 -8.52 15.18 -18.57
CA GLY A 80 -8.90 15.64 -19.90
C GLY A 80 -8.27 14.82 -21.00
N SER A 81 -6.98 14.54 -20.87
CA SER A 81 -6.24 13.83 -21.91
C SER A 81 -6.96 12.56 -22.37
N LEU A 82 -7.34 11.68 -21.43
CA LEU A 82 -7.92 10.37 -21.78
C LEU A 82 -9.45 10.36 -21.72
N ARG A 83 -10.08 11.53 -21.56
CA ARG A 83 -11.55 11.63 -21.60
C ARG A 83 -12.16 10.84 -20.46
N LEU A 84 -11.60 11.06 -19.26
CA LEU A 84 -12.17 10.54 -18.05
C LEU A 84 -13.22 11.50 -17.58
N ASN A 85 -14.42 10.97 -17.34
CA ASN A 85 -15.47 11.78 -16.73
C ASN A 85 -15.28 11.79 -15.22
N LEU A 86 -14.50 12.76 -14.72
CA LEU A 86 -14.35 12.93 -13.28
C LEU A 86 -15.64 13.39 -12.60
N GLY A 87 -16.61 13.86 -13.37
CA GLY A 87 -17.89 14.24 -12.79
C GLY A 87 -18.62 13.07 -12.14
N LEU A 88 -18.31 11.85 -12.58
CA LEU A 88 -18.84 10.68 -11.92
C LEU A 88 -18.32 10.50 -10.51
N PHE A 89 -17.34 11.31 -10.08
CA PHE A 89 -16.87 11.29 -8.70
C PHE A 89 -17.15 12.58 -7.95
N SER A 90 -17.99 13.48 -8.49
CA SER A 90 -18.43 14.64 -7.72
C SER A 90 -19.18 14.17 -6.49
N THR A 91 -19.18 15.02 -5.45
CA THR A 91 -19.93 14.67 -4.24
C THR A 91 -21.40 14.41 -4.59
N LYS A 92 -21.98 15.21 -5.50
CA LYS A 92 -23.38 15.01 -5.90
C LYS A 92 -23.62 13.63 -6.51
N THR A 93 -22.86 13.27 -7.54
CA THR A 93 -23.05 11.97 -8.14
C THR A 93 -22.84 10.83 -7.13
N LEU A 94 -21.84 10.96 -6.24
CA LEU A 94 -21.52 9.87 -5.31
C LEU A 94 -22.65 9.68 -4.29
N VAL A 95 -23.22 10.80 -3.82
CA VAL A 95 -24.35 10.71 -2.89
C VAL A 95 -25.53 10.03 -3.57
N GLU A 96 -25.85 10.44 -4.80
CA GLU A 96 -26.99 9.85 -5.49
C GLU A 96 -26.84 8.35 -5.59
N ALA A 97 -25.61 7.86 -5.77
CA ALA A 97 -25.40 6.43 -5.94
C ALA A 97 -25.17 5.68 -4.62
N SER A 98 -24.87 6.36 -3.53
CA SER A 98 -24.44 5.68 -2.30
C SER A 98 -25.58 4.91 -1.65
N GLY A 99 -25.20 3.90 -0.86
CA GLY A 99 -26.06 3.35 0.16
C GLY A 99 -25.84 4.04 1.49
N GLU A 100 -26.46 3.51 2.53
CA GLU A 100 -26.22 4.00 3.88
C GLU A 100 -25.00 3.34 4.54
N HIS A 101 -24.10 2.75 3.77
CA HIS A 101 -22.96 2.04 4.34
C HIS A 101 -22.12 3.01 5.15
N THR A 102 -21.72 2.54 6.32
CA THR A 102 -20.93 3.36 7.21
C THR A 102 -19.59 3.69 6.56
N VAL A 103 -19.15 4.96 6.69
CA VAL A 103 -17.79 5.31 6.29
C VAL A 103 -17.07 6.00 7.45
N GLU A 104 -15.73 5.99 7.39
CA GLU A 104 -14.95 6.56 8.48
C GLU A 104 -14.49 8.00 8.19
N VAL A 105 -14.31 8.73 9.31
CA VAL A 105 -13.98 10.15 9.37
C VAL A 105 -12.76 10.35 10.27
N ARG A 106 -11.99 11.39 9.97
CA ARG A 106 -10.96 11.88 10.88
C ARG A 106 -11.30 13.32 11.22
N THR A 107 -11.19 13.64 12.51
CA THR A 107 -11.38 14.98 13.02
C THR A 107 -10.00 15.55 13.33
N GLN A 108 -9.72 16.78 12.88
CA GLN A 108 -8.38 17.34 12.91
C GLN A 108 -8.48 18.83 13.16
N VAL A 109 -7.38 19.43 13.55
CA VAL A 109 -7.29 20.88 13.69
C VAL A 109 -6.94 21.48 12.34
N GLN A 110 -7.67 22.54 11.96
CA GLN A 110 -7.42 23.18 10.68
C GLN A 110 -6.25 24.12 10.83
N GLN A 111 -5.19 23.86 10.09
CA GLN A 111 -3.99 24.68 10.17
C GLN A 111 -3.30 24.68 8.82
N PRO A 112 -2.46 25.68 8.55
CA PRO A 112 -1.72 25.73 7.29
C PRO A 112 -0.88 24.47 7.06
N SER A 113 -0.68 24.16 5.78
CA SER A 113 -0.09 22.88 5.40
C SER A 113 1.33 22.71 5.93
N ASP A 114 2.03 23.80 6.22
CA ASP A 114 3.41 23.70 6.69
C ASP A 114 3.50 23.85 8.20
N GLU A 115 2.37 23.78 8.91
CA GLU A 115 2.32 23.95 10.35
C GLU A 115 1.64 22.77 11.03
N ASN A 116 2.03 22.51 12.28
CA ASN A 116 1.38 21.54 13.14
C ASN A 116 1.64 22.00 14.58
N TRP A 117 0.68 22.67 15.18
CA TRP A 117 0.91 23.33 16.47
C TRP A 117 0.62 22.42 17.64
N ASP A 118 1.38 22.62 18.72
CA ASP A 118 1.07 21.97 19.99
C ASP A 118 -0.20 22.59 20.60
N LEU A 119 -0.69 21.96 21.67
CA LEU A 119 -1.93 22.39 22.34
C LEU A 119 -1.85 23.86 22.78
N THR A 120 -0.66 24.32 23.14
CA THR A 120 -0.49 25.71 23.58
C THR A 120 -0.63 26.70 22.42
N GLY A 121 -0.19 26.32 21.23
CA GLY A 121 -0.14 27.27 20.12
C GLY A 121 1.11 28.11 20.13
N THR A 122 2.22 27.56 20.63
CA THR A 122 3.47 28.29 20.71
C THR A 122 4.64 27.59 20.03
N ARG A 123 4.54 26.30 19.71
CA ARG A 123 5.62 25.65 18.97
C ARG A 123 5.09 24.60 17.99
N GLN A 124 5.96 24.26 17.04
CA GLN A 124 5.74 23.15 16.12
C GLN A 124 6.11 21.82 16.77
N ILE A 125 5.32 20.78 16.46
CA ILE A 125 5.55 19.42 16.95
C ILE A 125 5.29 18.41 15.82
N TRP A 126 5.72 17.15 16.06
CA TRP A 126 5.62 16.08 15.08
C TRP A 126 4.30 15.32 15.21
N PRO A 127 3.88 14.88 16.41
CA PRO A 127 2.58 14.18 16.50
C PRO A 127 1.42 15.07 16.08
N CYS A 128 0.44 14.44 15.41
CA CYS A 128 -0.64 15.16 14.75
C CYS A 128 -1.97 14.50 15.08
N GLU A 129 -2.83 15.26 15.75
CA GLU A 129 -4.09 14.70 16.25
C GLU A 129 -5.04 14.48 15.09
N SER A 130 -5.64 13.30 15.06
CA SER A 130 -6.48 12.86 13.94
C SER A 130 -7.32 11.70 14.47
N SER A 131 -8.52 12.00 14.98
CA SER A 131 -9.32 10.98 15.67
C SER A 131 -10.44 10.39 14.81
N ARG A 132 -10.77 9.13 15.10
CA ARG A 132 -11.70 8.38 14.29
C ARG A 132 -13.16 8.52 14.74
N SER A 133 -14.05 8.63 13.77
CA SER A 133 -15.48 8.46 13.97
C SER A 133 -16.08 8.00 12.65
N HIS A 134 -17.40 7.87 12.64
CA HIS A 134 -18.10 7.25 11.51
C HIS A 134 -19.30 8.08 11.10
N THR A 135 -19.67 7.97 9.82
CA THR A 135 -20.82 8.66 9.27
C THR A 135 -21.26 7.88 8.03
N THR A 136 -22.04 8.52 7.17
CA THR A 136 -22.38 7.98 5.85
C THR A 136 -21.86 8.94 4.79
N ILE A 137 -21.76 8.48 3.56
CA ILE A 137 -21.44 9.38 2.44
C ILE A 137 -22.37 10.58 2.44
N ALA A 138 -23.70 10.35 2.52
CA ALA A 138 -24.65 11.44 2.38
C ALA A 138 -24.49 12.42 3.51
N LYS A 139 -24.20 11.93 4.71
CA LYS A 139 -24.06 12.88 5.81
C LYS A 139 -22.72 13.61 5.77
N TYR A 140 -21.64 12.97 5.32
CA TYR A 140 -20.42 13.76 5.16
C TYR A 140 -20.59 14.80 4.05
N ALA A 141 -21.33 14.46 2.98
CA ALA A 141 -21.55 15.42 1.89
C ALA A 141 -22.22 16.70 2.39
N GLN A 142 -23.25 16.57 3.25
CA GLN A 142 -23.89 17.77 3.80
C GLN A 142 -22.91 18.62 4.58
N TYR A 143 -22.04 17.98 5.37
CA TYR A 143 -20.99 18.73 6.04
C TYR A 143 -20.09 19.45 5.03
N GLN A 144 -19.72 18.76 3.94
CA GLN A 144 -18.76 19.33 2.99
C GLN A 144 -19.38 20.52 2.26
N ALA A 145 -20.61 20.37 1.81
CA ALA A 145 -21.29 21.45 1.10
C ALA A 145 -21.62 22.62 2.03
N SER A 146 -21.93 22.34 3.29
CA SER A 146 -22.25 23.41 4.23
C SER A 146 -21.00 24.17 4.67
N SER A 147 -19.87 23.47 4.77
CA SER A 147 -18.58 24.13 4.96
C SER A 147 -18.28 25.08 3.81
N PHE A 148 -18.63 24.68 2.60
CA PHE A 148 -18.30 25.46 1.42
C PHE A 148 -19.10 26.74 1.38
N GLN A 149 -20.29 26.74 2.00
CA GLN A 149 -21.18 27.89 2.13
C GLN A 149 -20.93 28.68 3.41
N GLU A 150 -19.97 28.27 4.23
CA GLU A 150 -19.71 28.94 5.50
C GLU A 150 -21.00 29.07 6.31
N SER A 151 -21.45 27.90 6.77
CA SER A 151 -22.69 27.82 7.57
C SER A 151 -22.72 26.60 8.48
N HIS A 184 -9.64 25.95 15.40
CA HIS A 184 -10.72 25.54 14.46
C HIS A 184 -10.61 24.06 14.02
N ILE A 185 -11.75 23.36 13.97
CA ILE A 185 -11.83 21.90 13.84
C ILE A 185 -12.53 21.54 12.53
N ILE A 186 -12.06 20.46 11.87
CA ILE A 186 -12.61 20.04 10.59
C ILE A 186 -12.71 18.52 10.55
N LYS A 187 -13.56 18.03 9.64
CA LYS A 187 -13.77 16.61 9.44
C LYS A 187 -13.39 16.23 8.00
N PHE A 188 -12.75 15.07 7.88
CA PHE A 188 -12.18 14.50 6.66
C PHE A 188 -12.77 13.10 6.51
N GLY A 189 -13.54 12.86 5.45
CA GLY A 189 -14.00 11.51 5.18
C GLY A 189 -12.95 10.72 4.41
N THR A 190 -12.48 9.58 4.94
CA THR A 190 -11.25 9.01 4.43
C THR A 190 -11.42 7.52 4.18
N ASN A 191 -10.64 7.01 3.23
CA ASN A 191 -10.58 5.56 2.95
C ASN A 191 -11.96 4.96 2.66
N ILE A 192 -12.79 5.73 1.95
CA ILE A 192 -14.15 5.32 1.59
C ILE A 192 -14.08 4.29 0.47
N ASP A 193 -14.57 3.09 0.74
CA ASP A 193 -14.35 1.97 -0.18
C ASP A 193 -15.34 2.00 -1.34
N LEU A 194 -14.81 2.12 -2.56
CA LEU A 194 -15.55 1.99 -3.81
C LEU A 194 -15.26 0.64 -4.44
N SER A 195 -15.45 -0.41 -3.64
CA SER A 195 -15.12 -1.77 -4.02
C SER A 195 -16.30 -2.55 -4.59
N ASP A 196 -17.53 -2.18 -4.23
CA ASP A 196 -18.76 -2.78 -4.76
C ASP A 196 -18.89 -2.55 -6.27
N ALA A 197 -18.59 -3.59 -7.06
CA ALA A 197 -18.55 -3.49 -8.52
C ALA A 197 -19.88 -3.06 -9.13
N LYS A 198 -21.00 -3.50 -8.58
CA LYS A 198 -22.29 -3.12 -9.14
C LYS A 198 -22.64 -1.67 -8.79
N ARG A 199 -22.57 -1.32 -7.52
CA ARG A 199 -22.96 0.01 -7.08
C ARG A 199 -22.13 1.08 -7.74
N TRP A 200 -20.85 0.82 -7.98
CA TRP A 200 -19.92 1.84 -8.47
C TRP A 200 -19.48 1.59 -9.91
N LYS A 201 -20.27 0.85 -10.68
CA LYS A 201 -19.85 0.43 -12.01
C LYS A 201 -19.45 1.60 -12.90
N PRO A 202 -20.27 2.64 -13.06
CA PRO A 202 -19.83 3.73 -13.95
C PRO A 202 -18.52 4.35 -13.50
N GLN A 203 -18.35 4.59 -12.19
CA GLN A 203 -17.10 5.18 -11.72
C GLN A 203 -15.93 4.31 -12.13
N LEU A 204 -16.00 3.02 -11.80
CA LEU A 204 -14.91 2.09 -12.01
C LEU A 204 -14.62 1.86 -13.50
N GLN A 205 -15.65 1.96 -14.36
CA GLN A 205 -15.44 1.79 -15.80
C GLN A 205 -14.57 2.91 -16.34
N GLU A 206 -14.76 4.12 -15.83
CA GLU A 206 -13.95 5.26 -16.26
C GLU A 206 -12.45 5.01 -16.04
N LEU A 207 -12.09 4.29 -14.97
CA LEU A 207 -10.68 4.07 -14.63
C LEU A 207 -10.03 2.98 -15.48
N LEU A 208 -10.82 2.21 -16.22
CA LEU A 208 -10.26 1.32 -17.24
C LEU A 208 -9.61 2.07 -18.40
N LYS A 209 -9.89 3.36 -18.54
CA LYS A 209 -9.26 4.14 -19.60
C LYS A 209 -7.81 4.50 -19.30
N LEU A 210 -7.35 4.31 -18.08
CA LEU A 210 -5.99 4.67 -17.72
C LEU A 210 -4.98 3.76 -18.42
N PRO A 211 -3.71 4.21 -18.57
CA PRO A 211 -2.67 3.25 -18.95
C PRO A 211 -2.66 2.06 -18.00
N ALA A 212 -2.30 0.91 -18.56
CA ALA A 212 -2.35 -0.36 -17.84
C ALA A 212 -1.56 -0.33 -16.55
N PHE A 213 -0.33 0.24 -16.56
CA PHE A 213 0.44 0.22 -15.33
C PHE A 213 -0.18 1.09 -14.25
N MET A 214 -1.10 2.00 -14.59
CA MET A 214 -1.83 2.75 -13.58
C MET A 214 -3.14 2.11 -13.11
N ARG A 215 -3.63 1.08 -13.79
CA ARG A 215 -4.97 0.58 -13.50
C ARG A 215 -5.01 -0.21 -12.19
N VAL A 216 -6.22 -0.28 -11.64
CA VAL A 216 -6.46 -1.01 -10.40
C VAL A 216 -6.10 -2.47 -10.58
N THR A 217 -6.39 -3.03 -11.76
CA THR A 217 -6.18 -4.45 -12.06
C THR A 217 -5.39 -4.60 -13.35
N SER A 218 -4.31 -5.37 -13.30
CA SER A 218 -3.51 -5.59 -14.51
C SER A 218 -2.60 -6.80 -14.32
N THR A 219 -2.33 -7.49 -15.44
CA THR A 219 -1.45 -8.65 -15.40
C THR A 219 -0.01 -8.26 -15.04
N GLY A 220 0.41 -7.04 -15.35
CA GLY A 220 1.66 -6.50 -14.89
C GLY A 220 1.68 -5.90 -13.50
N ASN A 221 0.64 -6.10 -12.71
CA ASN A 221 0.50 -5.50 -11.38
C ASN A 221 0.60 -6.60 -10.33
N MET A 222 1.57 -6.48 -9.41
CA MET A 222 1.75 -7.55 -8.43
C MET A 222 0.52 -7.72 -7.56
N LEU A 223 -0.23 -6.63 -7.33
CA LEU A 223 -1.39 -6.67 -6.46
C LEU A 223 -2.56 -7.39 -7.11
N SER A 224 -2.53 -7.56 -8.43
CA SER A 224 -3.51 -8.37 -9.12
C SER A 224 -3.21 -9.86 -9.02
N HIS A 225 -2.13 -10.24 -8.34
CA HIS A 225 -1.72 -11.63 -8.18
C HIS A 225 -1.79 -12.09 -6.73
N VAL A 226 -2.39 -11.28 -5.86
CA VAL A 226 -2.73 -11.75 -4.52
C VAL A 226 -3.84 -12.78 -4.59
N GLY A 227 -4.77 -12.63 -5.53
CA GLY A 227 -5.97 -13.45 -5.55
C GLY A 227 -7.02 -13.15 -4.50
N HIS A 228 -6.82 -12.17 -3.61
CA HIS A 228 -7.89 -11.72 -2.72
C HIS A 228 -7.86 -10.19 -2.58
N THR A 229 -8.91 -9.66 -1.95
CA THR A 229 -9.10 -8.22 -1.90
C THR A 229 -8.30 -7.63 -0.74
N ILE A 230 -7.65 -6.51 -1.02
CA ILE A 230 -7.00 -5.71 0.00
C ILE A 230 -7.59 -4.34 -0.20
N LEU A 231 -8.63 -4.01 0.57
CA LEU A 231 -9.41 -2.81 0.34
C LEU A 231 -8.51 -1.58 0.41
N GLY A 232 -8.56 -0.75 -0.65
CA GLY A 232 -7.77 0.46 -0.74
C GLY A 232 -6.44 0.27 -1.46
N MET A 233 -6.00 -0.96 -1.69
CA MET A 233 -4.77 -1.19 -2.41
C MET A 233 -5.06 -1.75 -3.80
N ASN A 234 -5.70 -2.91 -3.88
CA ASN A 234 -6.18 -3.38 -5.18
C ASN A 234 -7.69 -3.15 -5.36
N THR A 235 -8.28 -2.28 -4.56
CA THR A 235 -9.58 -1.63 -4.82
C THR A 235 -9.43 -0.12 -4.57
N VAL A 236 -10.40 0.63 -5.09
CA VAL A 236 -10.34 2.08 -5.06
C VAL A 236 -10.88 2.60 -3.75
N GLN A 237 -10.18 3.56 -3.18
CA GLN A 237 -10.72 4.35 -2.08
C GLN A 237 -10.89 5.79 -2.50
N LEU A 238 -11.88 6.41 -1.88
CA LEU A 238 -12.30 7.78 -2.08
C LEU A 238 -12.03 8.59 -0.81
N TYR A 239 -11.66 9.87 -1.01
CA TYR A 239 -11.30 10.82 0.04
C TYR A 239 -12.11 12.08 -0.20
N MET A 240 -13.03 12.38 0.71
CA MET A 240 -13.86 13.58 0.64
C MET A 240 -13.31 14.60 1.63
N LYS A 241 -12.99 15.81 1.15
CA LYS A 241 -12.15 16.75 1.89
C LYS A 241 -12.78 18.14 2.01
N VAL A 242 -12.47 18.80 3.12
CA VAL A 242 -12.57 20.25 3.31
C VAL A 242 -11.17 20.81 3.48
N PRO A 243 -10.97 22.11 3.33
CA PRO A 243 -9.63 22.66 3.47
C PRO A 243 -9.05 22.34 4.84
N GLY A 244 -7.77 21.97 4.85
CA GLY A 244 -7.13 21.49 6.04
C GLY A 244 -7.12 19.97 6.21
N SER A 245 -7.96 19.23 5.48
CA SER A 245 -7.97 17.77 5.63
C SER A 245 -6.59 17.16 5.29
N ARG A 246 -6.05 16.38 6.23
CA ARG A 246 -4.67 15.88 6.18
C ARG A 246 -4.62 14.36 6.15
N THR A 247 -3.78 13.84 5.26
CA THR A 247 -3.30 12.46 5.33
C THR A 247 -1.85 12.55 5.81
N PRO A 248 -1.52 12.10 7.03
CA PRO A 248 -0.19 12.37 7.61
C PRO A 248 0.88 11.42 7.07
N GLY A 249 2.09 11.59 7.58
CA GLY A 249 3.25 11.02 6.90
C GLY A 249 3.20 9.50 6.85
N HIS A 250 3.60 8.94 5.71
CA HIS A 250 3.68 7.49 5.57
C HIS A 250 4.46 7.10 4.32
N GLN A 251 4.94 5.86 4.34
CA GLN A 251 5.13 5.06 3.15
C GLN A 251 3.90 4.19 2.96
N GLU A 252 3.65 3.77 1.73
CA GLU A 252 2.53 2.87 1.48
C GLU A 252 2.76 1.54 2.17
N ASN A 253 1.68 0.81 2.38
CA ASN A 253 1.79 -0.59 2.82
C ASN A 253 2.72 -1.36 1.89
N ASN A 254 3.74 -1.97 2.51
CA ASN A 254 4.74 -2.79 1.83
C ASN A 254 5.40 -2.04 0.68
N ASN A 255 5.53 -0.73 0.86
CA ASN A 255 6.25 0.15 -0.07
C ASN A 255 5.76 0.08 -1.52
N PHE A 256 4.45 -0.15 -1.72
CA PHE A 256 3.89 -0.23 -3.08
C PHE A 256 3.63 1.16 -3.63
N CYS A 257 3.69 1.27 -4.95
CA CYS A 257 3.40 2.53 -5.59
C CYS A 257 1.95 2.91 -5.35
N SER A 258 1.66 4.20 -5.52
CA SER A 258 0.33 4.71 -5.32
C SER A 258 -0.04 5.63 -6.47
N VAL A 259 -1.34 5.59 -6.82
CA VAL A 259 -1.98 6.42 -7.84
C VAL A 259 -3.07 7.22 -7.15
N ASN A 260 -3.08 8.54 -7.37
CA ASN A 260 -4.06 9.43 -6.76
C ASN A 260 -4.52 10.48 -7.78
N ILE A 261 -5.85 10.60 -7.96
CA ILE A 261 -6.43 11.58 -8.86
C ILE A 261 -7.27 12.54 -8.03
N ASN A 262 -7.09 13.84 -8.25
CA ASN A 262 -7.89 14.87 -7.60
C ASN A 262 -9.12 15.16 -8.45
N ILE A 263 -10.29 14.94 -7.87
CA ILE A 263 -11.57 15.21 -8.50
C ILE A 263 -12.01 16.64 -8.24
N GLY A 264 -12.38 16.93 -6.95
CA GLY A 264 -13.35 17.95 -6.52
C GLY A 264 -12.74 19.21 -6.99
N PRO A 265 -13.41 20.34 -6.76
CA PRO A 265 -13.00 21.58 -7.46
C PRO A 265 -11.72 22.20 -6.93
N GLY A 266 -11.30 21.89 -5.70
CA GLY A 266 -10.15 22.53 -5.11
C GLY A 266 -8.88 21.71 -5.34
N ASP A 267 -7.77 22.26 -4.86
CA ASP A 267 -6.43 21.72 -4.97
C ASP A 267 -6.03 20.98 -3.70
N CYS A 268 -5.02 20.10 -3.82
CA CYS A 268 -4.29 19.52 -2.69
C CYS A 268 -2.83 19.88 -2.79
N GLU A 269 -2.21 20.05 -1.63
CA GLU A 269 -0.78 20.25 -1.53
C GLU A 269 -0.10 18.98 -1.06
N TRP A 270 0.96 18.59 -1.74
CA TRP A 270 1.71 17.39 -1.45
C TRP A 270 3.12 17.72 -0.99
N PHE A 271 3.64 16.84 -0.12
CA PHE A 271 5.01 16.86 0.39
C PHE A 271 5.57 15.45 0.25
N ALA A 272 6.82 15.32 -0.24
CA ALA A 272 7.42 14.00 -0.40
C ALA A 272 8.95 13.99 -0.20
N VAL A 273 9.45 12.83 0.24
CA VAL A 273 10.89 12.58 0.51
C VAL A 273 11.27 11.22 -0.06
N HIS A 274 12.48 11.13 -0.63
CA HIS A 274 12.95 9.89 -1.26
C HIS A 274 13.09 8.77 -0.22
N GLU A 275 12.74 7.55 -0.64
CA GLU A 275 12.87 6.35 0.18
C GLU A 275 14.16 6.31 1.00
N HIS A 276 15.25 6.78 0.41
CA HIS A 276 16.58 6.78 1.03
C HIS A 276 16.59 7.37 2.44
N TYR A 277 15.76 8.37 2.72
CA TYR A 277 15.79 9.09 3.99
C TYR A 277 14.83 8.56 5.03
N TRP A 278 14.18 7.40 4.82
CA TRP A 278 13.08 7.04 5.71
C TRP A 278 13.55 6.71 7.13
N GLU A 279 14.73 6.13 7.30
CA GLU A 279 15.20 5.81 8.65
C GLU A 279 15.40 7.07 9.47
N THR A 280 15.95 8.12 8.86
CA THR A 280 16.08 9.39 9.56
C THR A 280 14.71 9.95 9.96
N ILE A 281 13.72 9.87 9.08
CA ILE A 281 12.39 10.36 9.45
C ILE A 281 11.82 9.51 10.58
N SER A 282 11.98 8.19 10.46
CA SER A 282 11.56 7.28 11.52
C SER A 282 12.20 7.64 12.86
N ALA A 283 13.41 8.22 12.86
CA ALA A 283 14.08 8.56 14.11
C ALA A 283 13.55 9.86 14.70
N PHE A 284 13.10 10.80 13.87
CA PHE A 284 12.40 11.94 14.45
C PHE A 284 11.15 11.48 15.14
N CYS A 285 10.49 10.45 14.59
CA CYS A 285 9.25 9.96 15.14
C CYS A 285 9.46 9.34 16.51
N ASP A 286 10.48 8.47 16.63
CA ASP A 286 10.88 7.97 17.94
C ASP A 286 11.18 9.12 18.90
N ARG A 287 12.05 10.05 18.50
CA ARG A 287 12.43 11.21 19.31
C ARG A 287 11.21 11.87 19.93
N HIS A 288 10.14 11.99 19.16
CA HIS A 288 8.98 12.75 19.57
C HIS A 288 7.84 11.86 20.05
N GLY A 289 8.10 10.57 20.25
CA GLY A 289 7.11 9.73 20.88
C GLY A 289 5.91 9.34 20.02
N VAL A 290 6.10 9.14 18.72
CA VAL A 290 4.98 8.76 17.84
C VAL A 290 5.49 7.67 16.91
N ASP A 291 4.68 6.63 16.71
CA ASP A 291 5.13 5.49 15.92
C ASP A 291 5.23 5.80 14.42
N TYR A 292 6.40 5.51 13.84
CA TYR A 292 6.63 5.81 12.42
C TYR A 292 5.66 5.06 11.52
N LEU A 293 5.53 3.76 11.75
CA LEU A 293 4.84 2.87 10.82
C LEU A 293 3.33 2.92 10.97
N THR A 294 2.82 3.14 12.19
CA THR A 294 1.39 3.09 12.43
C THR A 294 0.84 4.34 13.08
N GLY A 295 1.65 5.35 13.35
CA GLY A 295 1.21 6.52 14.06
C GLY A 295 0.85 7.66 13.11
N SER A 296 0.48 8.78 13.72
CA SER A 296 0.00 9.97 13.05
C SER A 296 0.97 11.12 13.36
N TRP A 297 1.76 11.50 12.34
CA TRP A 297 2.77 12.54 12.46
C TRP A 297 2.76 13.44 11.23
N TRP A 298 3.25 14.63 11.42
CA TRP A 298 3.38 15.65 10.42
C TRP A 298 4.77 16.24 10.59
N PRO A 299 5.65 16.09 9.62
CA PRO A 299 7.03 16.58 9.80
C PRO A 299 7.11 18.08 10.04
N ILE A 300 8.06 18.46 10.89
CA ILE A 300 8.53 19.84 10.94
C ILE A 300 9.49 20.00 9.78
N LEU A 301 9.15 20.89 8.84
CA LEU A 301 9.90 20.97 7.60
C LEU A 301 11.35 21.38 7.84
N ASP A 302 11.58 22.25 8.83
CA ASP A 302 12.95 22.73 9.05
C ASP A 302 13.82 21.66 9.71
N ASP A 303 13.21 20.69 10.40
CA ASP A 303 13.95 19.52 10.83
C ASP A 303 14.54 18.75 9.66
N LEU A 304 13.72 18.49 8.63
CA LEU A 304 14.20 17.73 7.49
C LEU A 304 15.25 18.51 6.73
N TYR A 305 15.01 19.81 6.54
CA TYR A 305 16.02 20.65 5.92
C TYR A 305 17.31 20.63 6.74
N ALA A 306 17.22 20.81 8.05
CA ALA A 306 18.40 20.74 8.92
C ALA A 306 19.10 19.39 8.80
N SER A 307 18.34 18.35 8.55
CA SER A 307 18.88 17.01 8.35
C SER A 307 19.43 16.79 6.95
N ASN A 308 19.45 17.78 6.07
CA ASN A 308 19.98 17.60 4.72
C ASN A 308 19.08 16.71 3.85
N ILE A 309 17.77 16.75 4.08
CA ILE A 309 16.81 15.90 3.39
C ILE A 309 16.07 16.78 2.37
N PRO A 310 16.17 16.48 1.08
CA PRO A 310 15.34 17.23 0.12
C PRO A 310 13.87 16.88 0.28
N VAL A 311 13.03 17.91 0.13
CA VAL A 311 11.57 17.79 0.26
C VAL A 311 10.92 18.32 -1.02
N TYR A 312 10.26 17.44 -1.76
CA TYR A 312 9.40 17.81 -2.87
C TYR A 312 8.11 18.40 -2.31
N ARG A 313 7.67 19.53 -2.89
CA ARG A 313 6.45 20.23 -2.50
C ARG A 313 5.76 20.67 -3.77
N PHE A 314 4.48 20.37 -3.95
CA PHE A 314 3.81 20.81 -5.18
C PHE A 314 2.32 20.72 -4.99
N VAL A 315 1.59 21.19 -5.99
CA VAL A 315 0.14 21.34 -5.93
C VAL A 315 -0.47 20.43 -6.98
N GLN A 316 -1.46 19.67 -6.56
CA GLN A 316 -2.21 18.79 -7.42
C GLN A 316 -3.57 19.45 -7.66
N ARG A 317 -3.86 19.79 -8.89
CA ARG A 317 -5.10 20.45 -9.26
C ARG A 317 -6.13 19.44 -9.73
N PRO A 318 -7.38 19.87 -9.93
CA PRO A 318 -8.38 18.93 -10.44
C PRO A 318 -7.92 18.34 -11.75
N GLY A 319 -8.01 17.02 -11.87
CA GLY A 319 -7.59 16.30 -13.06
C GLY A 319 -6.14 15.85 -13.07
N ASP A 320 -5.29 16.39 -12.19
CA ASP A 320 -3.92 15.93 -12.08
C ASP A 320 -3.86 14.56 -11.41
N LEU A 321 -3.08 13.66 -11.97
CA LEU A 321 -2.79 12.37 -11.38
C LEU A 321 -1.40 12.42 -10.78
N VAL A 322 -1.28 12.01 -9.52
CA VAL A 322 -0.01 11.92 -8.84
C VAL A 322 0.40 10.46 -8.82
N TRP A 323 1.62 10.18 -9.28
CA TRP A 323 2.23 8.85 -9.21
C TRP A 323 3.26 8.85 -8.09
N ILE A 324 3.02 8.06 -7.05
CA ILE A 324 3.96 7.94 -5.94
C ILE A 324 4.80 6.68 -6.16
N ASN A 325 6.09 6.85 -6.36
CA ASN A 325 6.93 5.71 -6.63
C ASN A 325 7.24 4.91 -5.35
N ALA A 326 7.73 3.68 -5.55
CA ALA A 326 7.95 2.75 -4.44
C ALA A 326 8.78 3.39 -3.33
N GLY A 327 8.27 3.30 -2.08
CA GLY A 327 8.96 3.71 -0.88
C GLY A 327 8.98 5.21 -0.57
N THR A 328 8.33 6.05 -1.37
CA THR A 328 8.41 7.48 -1.16
C THR A 328 7.63 7.89 0.08
N VAL A 329 8.25 8.65 0.98
CA VAL A 329 7.57 9.12 2.18
C VAL A 329 6.78 10.38 1.79
N HIS A 330 5.50 10.42 2.13
CA HIS A 330 4.71 11.57 1.69
C HIS A 330 3.61 11.89 2.69
N TRP A 331 3.12 13.13 2.61
CA TRP A 331 1.97 13.60 3.37
C TRP A 331 1.27 14.67 2.53
N VAL A 332 -0.03 14.85 2.79
CA VAL A 332 -0.94 15.56 1.89
C VAL A 332 -1.95 16.38 2.71
N GLN A 333 -2.30 17.57 2.21
CA GLN A 333 -3.36 18.39 2.81
C GLN A 333 -4.18 19.09 1.74
N ALA A 334 -5.50 19.06 1.89
CA ALA A 334 -6.35 19.81 0.97
C ALA A 334 -6.24 21.30 1.25
N THR A 335 -6.10 22.08 0.17
CA THR A 335 -6.08 23.54 0.16
C THR A 335 -7.49 24.08 -0.02
N GLY A 336 -8.29 23.43 -0.86
CA GLY A 336 -9.69 23.75 -1.07
C GLY A 336 -10.64 22.61 -0.75
N TRP A 337 -11.86 22.69 -1.26
CA TRP A 337 -12.86 21.65 -1.16
C TRP A 337 -12.65 20.71 -2.35
N CYS A 338 -12.46 19.42 -2.08
CA CYS A 338 -12.23 18.50 -3.18
C CYS A 338 -12.48 17.06 -2.74
N ASN A 339 -12.56 16.17 -3.74
CA ASN A 339 -12.46 14.73 -3.56
C ASN A 339 -11.24 14.21 -4.31
N ASN A 340 -10.60 13.19 -3.74
CA ASN A 340 -9.55 12.42 -4.39
C ASN A 340 -9.94 10.94 -4.40
N ILE A 341 -9.45 10.23 -5.40
CA ILE A 341 -9.51 8.77 -5.42
C ILE A 341 -8.08 8.26 -5.53
N ALA A 342 -7.81 7.12 -4.90
CA ALA A 342 -6.46 6.55 -4.93
C ALA A 342 -6.50 5.03 -4.73
N TRP A 343 -5.43 4.39 -5.16
CA TRP A 343 -5.22 2.97 -4.94
C TRP A 343 -3.73 2.72 -5.12
N ASN A 344 -3.31 1.47 -4.93
CA ASN A 344 -1.93 1.07 -5.07
C ASN A 344 -1.78 0.22 -6.31
N VAL A 345 -0.58 0.22 -6.86
CA VAL A 345 -0.16 -0.72 -7.89
C VAL A 345 1.25 -1.17 -7.56
N GLY A 346 1.58 -2.37 -8.03
CA GLY A 346 2.89 -2.97 -7.84
C GLY A 346 3.50 -3.33 -9.18
N PRO A 347 4.07 -2.36 -9.88
CA PRO A 347 4.64 -2.66 -11.18
C PRO A 347 5.85 -3.59 -11.06
N LEU A 348 6.12 -4.30 -12.15
CA LEU A 348 7.13 -5.36 -12.16
C LEU A 348 8.49 -4.75 -12.44
N THR A 349 9.05 -4.15 -11.41
CA THR A 349 10.43 -3.67 -11.41
C THR A 349 11.11 -4.25 -10.19
N ALA A 350 12.45 -4.36 -10.30
CA ALA A 350 13.27 -4.94 -9.25
C ALA A 350 13.29 -4.05 -8.02
N TYR A 351 13.30 -2.74 -8.25
CA TYR A 351 13.21 -1.77 -7.17
C TYR A 351 11.91 -1.93 -6.36
N GLN A 352 10.76 -1.99 -7.03
CA GLN A 352 9.52 -2.26 -6.31
C GLN A 352 9.60 -3.57 -5.52
N TYR A 353 10.02 -4.65 -6.20
CA TYR A 353 10.12 -5.95 -5.54
C TYR A 353 11.01 -5.86 -4.30
N GLN A 354 12.20 -5.29 -4.47
CA GLN A 354 13.13 -5.20 -3.34
C GLN A 354 12.50 -4.45 -2.17
N LEU A 355 11.90 -3.29 -2.42
CA LEU A 355 11.44 -2.47 -1.32
C LEU A 355 10.24 -3.10 -0.63
N ALA A 356 9.40 -3.83 -1.39
CA ALA A 356 8.26 -4.53 -0.79
C ALA A 356 8.70 -5.67 0.13
N LEU A 357 9.73 -6.43 -0.30
CA LEU A 357 10.29 -7.51 0.53
C LEU A 357 11.04 -6.97 1.73
N GLU A 358 11.82 -5.92 1.56
CA GLU A 358 12.46 -5.31 2.72
C GLU A 358 11.42 -4.87 3.74
N ARG A 359 10.36 -4.20 3.29
CA ARG A 359 9.39 -3.75 4.27
C ARG A 359 8.63 -4.94 4.87
N TYR A 360 8.36 -5.97 4.08
CA TYR A 360 7.77 -7.23 4.61
C TYR A 360 8.58 -7.80 5.79
N GLU A 361 9.91 -7.84 5.65
CA GLU A 361 10.74 -8.34 6.75
C GLU A 361 10.87 -7.33 7.88
N TRP A 362 10.87 -6.04 7.58
CA TRP A 362 10.90 -5.05 8.65
C TRP A 362 9.61 -5.07 9.46
N ASN A 363 8.45 -5.22 8.79
CA ASN A 363 7.19 -5.41 9.50
C ASN A 363 7.29 -6.55 10.51
N GLU A 364 7.94 -7.64 10.14
CA GLU A 364 8.02 -8.82 10.98
C GLU A 364 8.88 -8.53 12.22
N VAL A 365 9.98 -7.82 12.04
CA VAL A 365 10.76 -7.31 13.16
C VAL A 365 9.88 -6.51 14.09
N LYS A 366 9.14 -5.53 13.54
CA LYS A 366 8.37 -4.61 14.36
C LYS A 366 6.99 -5.14 14.79
N ASN A 367 6.62 -6.38 14.47
CA ASN A 367 5.32 -6.94 14.84
C ASN A 367 4.19 -6.10 14.28
N VAL A 368 4.26 -5.88 12.96
CA VAL A 368 3.25 -5.15 12.20
C VAL A 368 2.84 -6.03 11.04
N LYS A 369 1.55 -6.13 10.79
CA LYS A 369 1.10 -6.98 9.68
C LYS A 369 1.47 -6.35 8.33
N SER A 370 2.08 -7.16 7.46
CA SER A 370 2.17 -6.87 6.03
C SER A 370 0.84 -7.23 5.39
N ILE A 371 0.05 -6.26 4.93
CA ILE A 371 -1.21 -6.64 4.27
C ILE A 371 -1.00 -7.10 2.84
N VAL A 372 0.21 -7.09 2.32
CA VAL A 372 0.50 -7.75 1.03
C VAL A 372 1.28 -9.04 1.32
N PRO A 373 0.71 -10.26 1.01
CA PRO A 373 1.42 -11.52 1.32
C PRO A 373 2.45 -11.84 0.26
N MET A 374 3.68 -11.40 0.49
CA MET A 374 4.66 -11.34 -0.59
C MET A 374 5.12 -12.72 -1.03
N ILE A 375 5.08 -13.75 -0.17
CA ILE A 375 5.46 -15.10 -0.60
C ILE A 375 4.44 -15.63 -1.55
N HIS A 376 3.19 -15.68 -1.11
CA HIS A 376 2.09 -16.01 -1.99
C HIS A 376 2.17 -15.25 -3.30
N VAL A 377 2.40 -13.93 -3.23
CA VAL A 377 2.43 -13.14 -4.46
C VAL A 377 3.60 -13.59 -5.34
N SER A 378 4.74 -13.86 -4.71
CA SER A 378 5.94 -14.19 -5.48
C SER A 378 5.75 -15.47 -6.29
N TRP A 379 5.23 -16.53 -5.67
CA TRP A 379 4.95 -17.78 -6.42
C TRP A 379 3.93 -17.55 -7.53
N ASN A 380 2.86 -16.79 -7.24
CA ASN A 380 1.85 -16.52 -8.27
C ASN A 380 2.44 -15.79 -9.47
N VAL A 381 3.26 -14.77 -9.22
CA VAL A 381 3.90 -14.05 -10.33
C VAL A 381 4.76 -15.00 -11.17
N ALA A 382 5.64 -15.77 -10.51
CA ALA A 382 6.47 -16.74 -11.21
C ALA A 382 5.66 -17.72 -12.06
N ARG A 383 4.48 -18.11 -11.59
CA ARG A 383 3.64 -19.04 -12.32
C ARG A 383 3.00 -18.46 -13.57
N THR A 384 2.72 -17.17 -13.60
CA THR A 384 1.85 -16.69 -14.66
C THR A 384 2.41 -15.55 -15.47
N VAL A 385 3.51 -14.92 -15.06
CA VAL A 385 4.07 -13.74 -15.73
C VAL A 385 5.48 -14.02 -16.20
N LYS A 386 5.76 -13.67 -17.46
CA LYS A 386 7.11 -13.75 -17.99
C LYS A 386 7.94 -12.57 -17.50
N ILE A 387 9.12 -12.86 -16.96
CA ILE A 387 9.98 -11.84 -16.37
C ILE A 387 11.24 -11.77 -17.23
N SER A 388 11.49 -10.60 -17.82
CA SER A 388 12.63 -10.43 -18.69
C SER A 388 13.70 -9.53 -18.11
N ASP A 389 13.41 -8.76 -17.06
CA ASP A 389 14.43 -7.96 -16.40
C ASP A 389 15.31 -8.87 -15.57
N PRO A 390 16.63 -8.92 -15.81
CA PRO A 390 17.45 -9.90 -15.08
C PRO A 390 17.54 -9.67 -13.60
N ASP A 391 17.59 -8.41 -13.17
CA ASP A 391 17.59 -8.08 -11.75
C ASP A 391 16.34 -8.59 -11.05
N LEU A 392 15.16 -8.25 -11.58
CA LEU A 392 13.94 -8.69 -10.91
C LEU A 392 13.85 -10.21 -10.91
N PHE A 393 14.18 -10.85 -12.04
CA PHE A 393 14.23 -12.32 -12.08
C PHE A 393 15.09 -12.90 -10.96
N LYS A 394 16.31 -12.40 -10.81
CA LYS A 394 17.22 -12.92 -9.78
C LYS A 394 16.56 -12.90 -8.41
N MET A 395 15.91 -11.78 -8.06
CA MET A 395 15.35 -11.60 -6.72
C MET A 395 14.17 -12.53 -6.49
N ILE A 396 13.25 -12.62 -7.44
CA ILE A 396 12.09 -13.52 -7.28
C ILE A 396 12.56 -14.96 -7.13
N LYS A 397 13.53 -15.35 -7.96
CA LYS A 397 14.01 -16.72 -7.94
C LYS A 397 14.73 -17.04 -6.62
N PHE A 398 15.53 -16.09 -6.11
CA PHE A 398 16.10 -16.24 -4.78
C PHE A 398 15.03 -16.38 -3.71
N CYS A 399 14.01 -15.51 -3.73
CA CYS A 399 12.90 -15.62 -2.78
C CYS A 399 12.28 -17.02 -2.84
N LEU A 400 11.96 -17.50 -4.04
CA LEU A 400 11.26 -18.78 -4.15
C LEU A 400 12.14 -19.93 -3.65
N LEU A 401 13.45 -19.83 -3.82
CA LEU A 401 14.32 -20.89 -3.37
C LEU A 401 14.41 -20.94 -1.85
N GLN A 402 14.42 -19.77 -1.18
CA GLN A 402 14.36 -19.75 0.28
C GLN A 402 13.05 -20.32 0.79
N SER A 403 11.95 -20.01 0.09
CA SER A 403 10.63 -20.47 0.53
C SER A 403 10.47 -21.97 0.32
N MET A 404 10.93 -22.47 -0.82
CA MET A 404 10.93 -23.92 -1.07
C MET A 404 11.76 -24.64 -0.01
N LYS A 405 12.92 -24.08 0.36
CA LYS A 405 13.73 -24.62 1.44
C LYS A 405 12.97 -24.64 2.76
N HIS A 406 12.52 -23.47 3.24
N HIS A 406 12.52 -23.46 3.24
CA HIS A 406 11.82 -23.41 4.52
CA HIS A 406 11.83 -23.39 4.53
C HIS A 406 10.73 -24.48 4.60
C HIS A 406 10.73 -24.47 4.60
N CYS A 407 9.93 -24.58 3.54
CA CYS A 407 8.85 -25.57 3.53
C CYS A 407 9.40 -26.99 3.69
N GLN A 408 10.49 -27.32 2.98
CA GLN A 408 11.01 -28.70 3.01
C GLN A 408 11.46 -29.07 4.41
N VAL A 409 12.29 -28.23 5.03
CA VAL A 409 12.70 -28.42 6.41
C VAL A 409 11.50 -28.70 7.31
N GLN A 410 10.46 -27.89 7.24
CA GLN A 410 9.44 -28.05 8.26
C GLN A 410 8.53 -29.23 7.94
N ARG A 411 8.30 -29.52 6.65
CA ARG A 411 7.67 -30.78 6.31
C ARG A 411 8.48 -31.97 6.85
N GLU A 412 9.82 -31.91 6.75
CA GLU A 412 10.65 -33.03 7.19
C GLU A 412 10.45 -33.31 8.66
N SER A 413 10.49 -32.25 9.48
CA SER A 413 10.36 -32.40 10.92
C SER A 413 8.98 -32.95 11.32
N LEU A 414 7.93 -32.62 10.55
CA LEU A 414 6.60 -33.12 10.88
C LEU A 414 6.47 -34.63 10.59
N VAL A 415 7.03 -35.11 9.48
CA VAL A 415 6.98 -36.53 9.19
C VAL A 415 7.84 -37.30 10.20
N ARG A 416 8.99 -36.73 10.58
CA ARG A 416 9.85 -37.38 11.57
C ARG A 416 9.09 -37.70 12.85
N ALA A 417 8.17 -36.82 13.24
CA ALA A 417 7.39 -36.96 14.47
C ALA A 417 6.05 -37.66 14.26
N GLY A 418 5.77 -38.17 13.07
CA GLY A 418 4.55 -38.90 12.84
C GLY A 418 3.32 -38.05 12.69
N LYS A 419 3.48 -36.72 12.52
CA LYS A 419 2.34 -35.82 12.42
C LYS A 419 1.68 -35.97 11.06
N LYS A 420 0.38 -36.32 11.07
CA LYS A 420 -0.38 -36.35 9.83
C LYS A 420 -0.33 -34.99 9.12
N ILE A 421 -0.08 -35.03 7.82
CA ILE A 421 -0.19 -33.89 6.93
C ILE A 421 -1.20 -34.26 5.86
N ALA A 422 -2.24 -33.44 5.71
CA ALA A 422 -3.23 -33.61 4.65
C ALA A 422 -3.11 -32.50 3.61
N TYR A 423 -3.53 -32.82 2.41
CA TYR A 423 -3.44 -31.90 1.29
C TYR A 423 -4.75 -31.16 1.14
N GLN A 424 -4.71 -29.84 1.23
CA GLN A 424 -5.88 -29.05 0.88
C GLN A 424 -5.43 -28.06 -0.19
N GLY A 425 -5.54 -28.47 -1.43
CA GLY A 425 -4.97 -27.73 -2.52
C GLY A 425 -5.65 -26.39 -2.70
N ARG A 426 -5.01 -25.55 -3.52
CA ARG A 426 -5.53 -24.23 -3.79
C ARG A 426 -6.72 -24.36 -4.73
N VAL A 427 -7.70 -23.49 -4.53
CA VAL A 427 -8.91 -23.46 -5.35
C VAL A 427 -9.15 -22.02 -5.74
N LYS A 428 -9.72 -21.83 -6.92
CA LYS A 428 -9.83 -20.47 -7.44
C LYS A 428 -10.46 -19.58 -6.38
N ASP A 429 -9.96 -18.35 -6.29
CA ASP A 429 -10.50 -17.30 -5.42
C ASP A 429 -10.18 -17.51 -3.94
N GLU A 430 -9.37 -18.51 -3.59
CA GLU A 430 -8.97 -18.70 -2.20
C GLU A 430 -8.00 -17.61 -1.75
N PRO A 431 -8.18 -17.05 -0.56
CA PRO A 431 -7.22 -16.05 -0.06
C PRO A 431 -5.89 -16.67 0.35
N ALA A 432 -4.93 -15.79 0.63
CA ALA A 432 -3.67 -16.12 1.31
C ALA A 432 -3.85 -16.03 2.81
N TYR A 433 -3.10 -16.85 3.55
CA TYR A 433 -3.34 -17.04 4.97
C TYR A 433 -2.27 -16.39 5.83
N TYR A 434 -2.69 -16.00 7.04
CA TYR A 434 -1.85 -15.32 8.03
C TYR A 434 -2.12 -15.97 9.38
N CYS A 435 -1.14 -15.89 10.28
CA CYS A 435 -1.30 -16.47 11.62
C CYS A 435 -2.22 -15.61 12.45
N ASN A 436 -3.20 -16.24 13.11
CA ASN A 436 -4.14 -15.53 13.95
C ASN A 436 -3.46 -14.78 15.10
N GLU A 437 -2.36 -15.32 15.63
CA GLU A 437 -1.74 -14.78 16.82
C GLU A 437 -0.74 -13.67 16.52
N CYS A 438 0.23 -13.91 15.62
CA CYS A 438 1.27 -12.93 15.38
C CYS A 438 1.16 -12.21 14.04
N ASP A 439 0.17 -12.55 13.20
CA ASP A 439 -0.12 -11.88 11.92
C ASP A 439 0.95 -12.03 10.84
N VAL A 440 1.93 -12.92 11.03
CA VAL A 440 2.85 -13.24 9.94
C VAL A 440 2.13 -14.05 8.86
N GLU A 441 2.59 -13.87 7.64
CA GLU A 441 2.06 -14.66 6.54
C GLU A 441 2.42 -16.13 6.78
N VAL A 442 1.47 -17.05 6.54
CA VAL A 442 1.70 -18.49 6.64
C VAL A 442 1.46 -19.09 5.25
N PHE A 443 2.54 -19.47 4.56
CA PHE A 443 2.48 -19.93 3.17
C PHE A 443 2.55 -21.46 3.11
N ASN A 444 1.57 -22.09 2.44
CA ASN A 444 1.61 -23.52 2.08
C ASN A 444 1.30 -24.49 3.21
N ILE A 445 2.21 -24.60 4.18
CA ILE A 445 2.07 -25.46 5.35
C ILE A 445 1.32 -24.67 6.42
N LEU A 446 0.10 -25.09 6.71
CA LEU A 446 -0.81 -24.38 7.61
C LEU A 446 -1.07 -25.22 8.87
N PHE A 447 -1.10 -24.55 10.02
CA PHE A 447 -1.36 -25.19 11.32
C PHE A 447 -2.69 -24.63 11.80
N VAL A 448 -3.76 -25.42 11.66
CA VAL A 448 -5.11 -24.95 11.86
C VAL A 448 -5.75 -25.62 13.08
N THR A 449 -6.69 -24.90 13.71
CA THR A 449 -7.37 -25.36 14.94
C THR A 449 -8.85 -25.02 14.88
N SER A 450 -9.65 -25.75 15.65
CA SER A 450 -11.10 -25.63 15.62
C SER A 450 -11.67 -25.52 17.03
N GLU A 451 -12.99 -25.26 17.09
CA GLU A 451 -13.83 -25.19 18.32
C GLU A 451 -13.10 -24.74 19.58
N GLY A 453 -14.58 -21.93 18.16
CA GLY A 453 -15.87 -21.37 17.83
C GLY A 453 -16.91 -22.40 17.43
N SER A 454 -17.11 -22.55 16.11
CA SER A 454 -17.78 -23.72 15.55
C SER A 454 -16.75 -24.83 15.27
N ARG A 455 -17.25 -26.06 15.08
CA ARG A 455 -16.47 -27.28 14.78
C ARG A 455 -16.11 -27.43 13.31
N ASN A 456 -16.56 -26.50 12.46
CA ASN A 456 -16.46 -26.59 11.02
C ASN A 456 -15.61 -25.47 10.42
N THR A 457 -15.30 -24.43 11.21
CA THR A 457 -14.40 -23.34 10.85
C THR A 457 -13.07 -23.49 11.59
N TYR A 458 -11.98 -23.10 10.94
CA TYR A 458 -10.64 -23.28 11.51
C TYR A 458 -9.86 -21.99 11.47
N LEU A 459 -9.05 -21.75 12.49
CA LEU A 459 -8.11 -20.64 12.50
C LEU A 459 -6.75 -21.14 12.08
N VAL A 460 -5.98 -20.26 11.48
CA VAL A 460 -4.67 -20.59 10.94
C VAL A 460 -3.62 -20.03 11.86
N HIS A 461 -2.54 -20.78 12.05
CA HIS A 461 -1.41 -20.31 12.82
C HIS A 461 -0.13 -20.63 12.09
N CYS A 462 0.90 -19.89 12.45
CA CYS A 462 2.22 -20.30 12.06
C CYS A 462 2.67 -21.44 12.97
N GLU A 463 3.82 -22.04 12.65
CA GLU A 463 4.33 -23.16 13.43
C GLU A 463 4.65 -22.74 14.86
N GLY A 464 5.40 -21.64 15.01
CA GLY A 464 5.79 -21.17 16.33
C GLY A 464 4.60 -20.96 17.24
N CYS A 465 3.57 -20.29 16.74
CA CYS A 465 2.43 -20.00 17.61
C CYS A 465 1.62 -21.26 17.87
N ALA A 466 1.50 -22.15 16.89
CA ALA A 466 0.80 -23.41 17.12
C ALA A 466 1.50 -24.26 18.17
N ARG A 467 2.83 -24.22 18.21
CA ARG A 467 3.57 -25.03 19.18
C ARG A 467 3.52 -24.43 20.58
N ARG A 468 3.45 -23.11 20.69
CA ARG A 468 3.20 -22.48 21.98
C ARG A 468 1.85 -22.89 22.57
N ARG A 469 0.84 -23.13 21.73
CA ARG A 469 -0.50 -23.49 22.21
C ARG A 469 -0.65 -24.99 22.49
N SER A 470 0.18 -25.85 21.90
CA SER A 470 0.16 -27.30 22.13
C SER A 470 1.46 -27.90 21.58
N ALA A 471 2.52 -27.92 22.40
CA ALA A 471 3.88 -28.17 21.90
C ALA A 471 4.02 -29.52 21.20
N GLY A 472 3.08 -30.45 21.38
CA GLY A 472 2.99 -31.67 20.60
C GLY A 472 2.07 -31.59 19.41
N LEU A 473 1.43 -30.43 19.24
CA LEU A 473 0.51 -30.13 18.16
C LEU A 473 -0.77 -30.93 18.26
N GLN A 474 -1.06 -31.42 19.46
CA GLN A 474 -2.31 -32.11 19.69
C GLN A 474 -3.46 -31.15 19.45
N GLY A 475 -4.50 -31.64 18.76
CA GLY A 475 -5.60 -30.79 18.35
C GLY A 475 -5.29 -29.79 17.25
N VAL A 476 -4.05 -29.77 16.72
CA VAL A 476 -3.68 -29.00 15.55
C VAL A 476 -3.73 -29.90 14.32
N VAL A 477 -4.56 -29.55 13.34
CA VAL A 477 -4.55 -30.23 12.05
C VAL A 477 -3.55 -29.51 11.16
N VAL A 478 -2.71 -30.27 10.48
CA VAL A 478 -1.68 -29.70 9.62
C VAL A 478 -2.06 -29.96 8.17
N LEU A 479 -2.13 -28.88 7.38
CA LEU A 479 -2.44 -28.93 5.96
C LEU A 479 -1.23 -28.47 5.14
N GLU A 480 -1.22 -28.90 3.87
CA GLU A 480 -0.27 -28.38 2.90
C GLU A 480 -1.05 -28.14 1.62
N GLN A 481 -0.80 -26.99 0.99
CA GLN A 481 -1.56 -26.61 -0.19
C GLN A 481 -0.78 -26.83 -1.49
N TYR A 482 0.53 -27.05 -1.39
CA TYR A 482 1.37 -27.36 -2.55
C TYR A 482 2.22 -28.59 -2.21
N ARG A 483 2.06 -29.67 -2.98
CA ARG A 483 2.94 -30.82 -2.76
C ARG A 483 4.37 -30.41 -3.04
N THR A 484 5.30 -31.16 -2.46
CA THR A 484 6.72 -30.82 -2.60
C THR A 484 7.13 -30.71 -4.06
N GLU A 485 6.69 -31.65 -4.90
CA GLU A 485 7.04 -31.59 -6.31
C GLU A 485 6.27 -30.53 -7.06
N GLU A 486 5.13 -30.08 -6.53
CA GLU A 486 4.46 -28.94 -7.14
C GLU A 486 5.35 -27.70 -7.09
N LEU A 487 5.98 -27.47 -5.93
CA LEU A 487 6.86 -26.31 -5.81
C LEU A 487 8.14 -26.49 -6.63
N ALA A 488 8.72 -27.70 -6.61
CA ALA A 488 9.93 -27.97 -7.39
C ALA A 488 9.71 -27.68 -8.88
N GLN A 489 8.58 -28.14 -9.42
CA GLN A 489 8.25 -27.93 -10.82
C GLN A 489 7.94 -26.48 -11.15
N ALA A 490 7.22 -25.76 -10.29
CA ALA A 490 6.99 -24.34 -10.52
C ALA A 490 8.31 -23.55 -10.53
N TYR A 491 9.19 -23.83 -9.59
CA TYR A 491 10.51 -23.19 -9.54
C TYR A 491 11.34 -23.49 -10.79
N ASP A 492 11.40 -24.75 -11.23
CA ASP A 492 12.11 -25.08 -12.46
C ASP A 492 11.47 -24.43 -13.68
N ALA A 493 10.15 -24.28 -13.66
CA ALA A 493 9.47 -23.67 -14.79
C ALA A 493 9.71 -22.17 -14.86
N PHE A 494 10.29 -21.56 -13.83
CA PHE A 494 10.43 -20.11 -13.77
C PHE A 494 11.82 -19.76 -14.26
N THR A 495 11.92 -19.30 -15.49
CA THR A 495 13.19 -19.00 -16.11
C THR A 495 13.15 -17.63 -16.78
N LEU A 496 14.31 -17.02 -16.86
CA LEU A 496 14.40 -15.66 -17.38
C LEU A 496 13.91 -15.63 -18.81
N ALA A 497 12.87 -14.84 -19.06
CA ALA A 497 12.28 -14.69 -20.37
C ALA A 497 13.14 -13.81 -21.27
N PRO A 498 12.99 -13.93 -22.59
CA PRO A 498 13.80 -13.11 -23.50
C PRO A 498 13.32 -11.66 -23.58
N ALA A 499 14.27 -10.72 -23.52
CA ALA A 499 13.93 -9.29 -23.57
C ALA A 499 13.42 -8.90 -24.95
N ARG B 1 -14.11 -29.57 2.06
CA ARG B 1 -12.84 -29.05 2.55
C ARG B 1 -13.09 -28.29 3.86
N LYS B 2 -12.00 -28.06 4.60
CA LYS B 2 -12.07 -27.22 5.80
C LYS B 2 -12.17 -25.74 5.44
N GLN B 3 -13.06 -25.03 6.14
CA GLN B 3 -13.24 -23.59 5.98
C GLN B 3 -12.23 -22.86 6.87
N LEU B 4 -11.24 -22.25 6.24
CA LEU B 4 -10.12 -21.60 6.90
C LEU B 4 -10.39 -20.10 6.98
N MET B 5 -10.32 -19.52 8.19
CA MET B 5 -10.75 -18.15 8.43
C MET B 5 -9.58 -17.17 8.25
N THR B 6 -9.88 -15.98 7.72
CA THR B 6 -8.89 -14.92 7.47
C THR B 6 -9.38 -13.58 7.98
N LYS B 7 -8.48 -12.75 8.49
CA LYS B 7 -8.80 -11.34 8.74
C LYS B 7 -8.79 -10.55 7.43
N ALA B 8 -9.80 -9.71 7.24
CA ALA B 8 -9.84 -8.89 6.04
C ALA B 8 -8.79 -7.80 6.18
N ALA B 9 -8.11 -7.53 5.08
CA ALA B 9 -7.04 -6.55 5.03
C ALA B 9 -7.58 -5.28 4.41
N ARG B 10 -7.32 -4.14 5.05
CA ARG B 10 -7.84 -2.87 4.56
C ARG B 10 -6.92 -1.70 4.91
N LYS B 11 -6.57 -0.91 3.90
CA LYS B 11 -5.92 0.38 4.15
C LYS B 11 -6.84 1.30 4.94
N SER B 12 -6.29 1.94 5.97
CA SER B 12 -7.03 2.90 6.78
C SER B 12 -6.04 3.90 7.37
N ALA B 13 -6.36 5.19 7.31
CA ALA B 13 -5.47 6.19 7.84
C ALA B 13 -5.21 5.96 9.33
N PRO B 14 -4.11 6.50 9.85
CA PRO B 14 -3.86 6.42 11.28
C PRO B 14 -4.87 7.23 12.09
N ALA B 15 -5.05 6.81 13.33
CA ALA B 15 -5.99 7.43 14.25
C ALA B 15 -5.36 7.54 15.63
N THR B 16 -5.59 8.68 16.28
CA THR B 16 -5.10 8.98 17.61
C THR B 16 -6.17 8.83 18.69
N GLY B 17 -7.43 8.98 18.32
CA GLY B 17 -8.54 8.74 19.25
C GLY B 17 -9.75 8.20 18.50
#